data_9AZI
#
_entry.id   9AZI
#
loop_
_entity.id
_entity.type
_entity.pdbx_description
1 polymer 'Designed Zinc finger protein 5.3'
2 non-polymer 'ZINC ION'
#
_entity_poly.entity_id   1
_entity_poly.type   'polypeptide(L)'
_entity_poly.pdbx_seq_one_letter_code
;YSCNVCGKAFVLSRHLNRHLRVHRRAT
;
_entity_poly.pdbx_strand_id   A
#
# COMPACT_ATOMS: atom_id res chain seq x y z
N TYR A 1 5.10 9.11 4.75
CA TYR A 1 4.20 7.94 4.69
C TYR A 1 5.00 6.66 4.78
N SER A 2 4.54 5.72 5.57
CA SER A 2 5.24 4.46 5.73
C SER A 2 4.25 3.30 5.85
N CYS A 3 4.62 2.15 5.30
CA CYS A 3 3.79 0.97 5.39
C CYS A 3 3.89 0.41 6.80
N ASN A 4 2.84 0.55 7.57
CA ASN A 4 2.82 0.13 8.99
C ASN A 4 3.08 -1.37 9.14
N VAL A 5 2.72 -2.12 8.13
CA VAL A 5 2.88 -3.56 8.13
C VAL A 5 4.36 -3.99 8.13
N CYS A 6 5.24 -3.11 7.68
CA CYS A 6 6.66 -3.45 7.57
C CYS A 6 7.58 -2.32 8.03
N GLY A 7 7.26 -1.11 7.60
CA GLY A 7 8.10 0.03 7.93
C GLY A 7 8.67 0.70 6.68
N LYS A 8 8.30 0.17 5.52
CA LYS A 8 8.76 0.71 4.24
C LYS A 8 8.18 2.10 4.01
N ALA A 9 9.03 3.09 3.87
CA ALA A 9 8.61 4.47 3.69
C ALA A 9 8.37 4.79 2.22
N PHE A 10 7.37 5.63 1.97
CA PHE A 10 7.03 6.06 0.63
C PHE A 10 6.79 7.56 0.60
N VAL A 11 7.07 8.17 -0.53
CA VAL A 11 6.91 9.62 -0.69
C VAL A 11 5.45 9.96 -0.97
N LEU A 12 4.84 9.20 -1.87
CA LEU A 12 3.46 9.45 -2.25
C LEU A 12 2.52 8.49 -1.54
N SER A 13 1.40 9.01 -1.08
CA SER A 13 0.41 8.22 -0.37
C SER A 13 -0.23 7.19 -1.30
N ARG A 14 -0.40 7.57 -2.56
CA ARG A 14 -1.00 6.69 -3.55
C ARG A 14 -0.13 5.44 -3.76
N HIS A 15 1.19 5.65 -3.75
CA HIS A 15 2.12 4.53 -3.89
C HIS A 15 2.06 3.63 -2.67
N LEU A 16 1.94 4.24 -1.50
CA LEU A 16 1.84 3.50 -0.27
C LEU A 16 0.57 2.66 -0.26
N ASN A 17 -0.52 3.25 -0.76
CA ASN A 17 -1.80 2.56 -0.83
C ASN A 17 -1.72 1.34 -1.74
N ARG A 18 -0.97 1.47 -2.83
CA ARG A 18 -0.77 0.34 -3.73
C ARG A 18 0.04 -0.74 -3.01
N HIS A 19 1.00 -0.30 -2.22
CA HIS A 19 1.85 -1.17 -1.45
C HIS A 19 1.06 -1.85 -0.31
N LEU A 20 0.05 -1.15 0.18
CA LEU A 20 -0.82 -1.70 1.21
C LEU A 20 -1.67 -2.82 0.65
N ARG A 21 -2.10 -2.63 -0.59
CA ARG A 21 -2.93 -3.63 -1.29
C ARG A 21 -2.21 -4.96 -1.38
N VAL A 22 -0.90 -4.90 -1.57
CA VAL A 22 -0.07 -6.10 -1.65
C VAL A 22 -0.06 -6.85 -0.30
N HIS A 23 -0.24 -6.10 0.79
CA HIS A 23 -0.27 -6.70 2.12
C HIS A 23 -1.67 -7.19 2.46
N ARG A 24 -2.63 -6.82 1.64
CA ARG A 24 -4.01 -7.25 1.82
C ARG A 24 -4.22 -8.61 1.18
N ARG A 25 -3.13 -9.17 0.71
CA ARG A 25 -3.13 -10.48 0.09
C ARG A 25 -2.81 -11.55 1.11
N ALA A 26 -3.15 -12.78 0.77
CA ALA A 26 -2.82 -13.92 1.60
C ALA A 26 -1.46 -14.45 1.18
N THR A 27 -1.29 -14.57 -0.12
CA THR A 27 -0.05 -15.03 -0.72
C THR A 27 0.03 -14.58 -2.19
N TYR A 1 -9.59 7.86 0.23
CA TYR A 1 -8.86 6.62 -0.08
C TYR A 1 -7.47 6.70 0.54
N SER A 2 -7.23 5.90 1.56
CA SER A 2 -5.96 5.94 2.26
C SER A 2 -5.47 4.54 2.64
N CYS A 3 -4.17 4.33 2.53
CA CYS A 3 -3.55 3.06 2.92
C CYS A 3 -3.68 2.88 4.42
N ASN A 4 -4.50 1.92 4.83
CA ASN A 4 -4.79 1.64 6.25
C ASN A 4 -3.51 1.52 7.11
N VAL A 5 -2.44 1.05 6.49
CA VAL A 5 -1.19 0.83 7.18
C VAL A 5 -0.34 2.11 7.27
N CYS A 6 -0.21 2.82 6.17
CA CYS A 6 0.70 3.96 6.10
C CYS A 6 0.02 5.30 6.32
N GLY A 7 -1.24 5.39 5.95
CA GLY A 7 -1.93 6.65 6.03
C GLY A 7 -1.71 7.45 4.75
N LYS A 8 -1.24 6.75 3.73
CA LYS A 8 -0.98 7.35 2.43
C LYS A 8 -2.28 7.46 1.65
N ALA A 9 -2.63 8.66 1.25
CA ALA A 9 -3.84 8.88 0.50
C ALA A 9 -3.61 8.73 -0.99
N PHE A 10 -4.59 8.16 -1.65
CA PHE A 10 -4.56 7.99 -3.10
C PHE A 10 -5.85 8.54 -3.70
N VAL A 11 -5.78 9.03 -4.93
CA VAL A 11 -6.96 9.56 -5.58
C VAL A 11 -7.69 8.49 -6.39
N LEU A 12 -6.93 7.55 -6.90
CA LEU A 12 -7.48 6.45 -7.66
C LEU A 12 -7.54 5.18 -6.82
N SER A 13 -8.72 4.63 -6.68
CA SER A 13 -8.94 3.43 -5.86
C SER A 13 -8.11 2.25 -6.34
N ARG A 14 -7.92 2.14 -7.65
CA ARG A 14 -7.14 1.05 -8.22
C ARG A 14 -5.71 1.09 -7.72
N HIS A 15 -5.18 2.29 -7.57
CA HIS A 15 -3.82 2.48 -7.10
C HIS A 15 -3.72 2.11 -5.63
N LEU A 16 -4.70 2.54 -4.85
CA LEU A 16 -4.73 2.22 -3.43
C LEU A 16 -4.84 0.72 -3.21
N ASN A 17 -5.70 0.07 -3.98
CA ASN A 17 -5.92 -1.37 -3.85
C ASN A 17 -4.65 -2.16 -4.07
N ARG A 18 -3.80 -1.69 -4.98
CA ARG A 18 -2.53 -2.37 -5.23
C ARG A 18 -1.57 -2.11 -4.08
N HIS A 19 -1.62 -0.89 -3.55
CA HIS A 19 -0.78 -0.50 -2.44
C HIS A 19 -1.22 -1.23 -1.17
N LEU A 20 -2.51 -1.50 -1.08
CA LEU A 20 -3.07 -2.25 0.03
C LEU A 20 -2.73 -3.73 -0.11
N ARG A 21 -2.77 -4.21 -1.35
CA ARG A 21 -2.59 -5.63 -1.66
C ARG A 21 -1.33 -6.22 -1.04
N VAL A 22 -0.22 -5.51 -1.15
CA VAL A 22 1.04 -5.98 -0.62
C VAL A 22 1.01 -6.08 0.91
N HIS A 23 0.11 -5.34 1.54
CA HIS A 23 0.01 -5.37 3.01
C HIS A 23 -1.07 -6.35 3.45
N ARG A 24 -2.00 -6.61 2.55
CA ARG A 24 -3.13 -7.49 2.86
C ARG A 24 -2.80 -8.94 2.57
N ARG A 25 -1.77 -9.17 1.74
CA ARG A 25 -1.33 -10.51 1.36
C ARG A 25 -2.38 -11.21 0.50
N ALA A 26 -2.11 -11.29 -0.78
CA ALA A 26 -3.03 -11.88 -1.73
C ALA A 26 -3.20 -13.38 -1.52
N THR A 27 -2.12 -14.04 -1.18
CA THR A 27 -2.13 -15.46 -0.96
C THR A 27 -1.47 -15.80 0.38
N TYR A 1 -5.75 6.17 -8.08
CA TYR A 1 -5.70 4.96 -7.24
C TYR A 1 -4.87 5.24 -5.98
N SER A 2 -5.54 5.42 -4.86
CA SER A 2 -4.86 5.71 -3.61
C SER A 2 -4.89 4.53 -2.64
N CYS A 3 -3.89 4.45 -1.80
CA CYS A 3 -3.83 3.43 -0.77
C CYS A 3 -4.60 3.96 0.44
N ASN A 4 -5.76 3.40 0.72
CA ASN A 4 -6.62 3.88 1.81
C ASN A 4 -5.89 3.89 3.16
N VAL A 5 -5.12 2.85 3.39
CA VAL A 5 -4.36 2.68 4.63
C VAL A 5 -3.36 3.83 4.87
N CYS A 6 -2.72 4.29 3.81
CA CYS A 6 -1.69 5.31 3.93
C CYS A 6 -2.18 6.68 3.49
N GLY A 7 -2.89 6.70 2.38
CA GLY A 7 -3.34 7.96 1.80
C GLY A 7 -2.49 8.34 0.61
N LYS A 8 -1.63 7.42 0.21
CA LYS A 8 -0.73 7.62 -0.92
C LYS A 8 -1.46 7.44 -2.23
N ALA A 9 -1.35 8.42 -3.10
CA ALA A 9 -1.99 8.37 -4.41
C ALA A 9 -1.03 7.88 -5.47
N PHE A 10 -1.49 6.94 -6.29
CA PHE A 10 -0.70 6.41 -7.39
C PHE A 10 -1.42 6.62 -8.70
N VAL A 11 -0.65 6.85 -9.76
CA VAL A 11 -1.20 7.05 -11.08
C VAL A 11 -1.53 5.71 -11.73
N LEU A 12 -0.60 4.77 -11.64
CA LEU A 12 -0.78 3.46 -12.25
C LEU A 12 -1.45 2.50 -11.29
N SER A 13 -2.44 1.79 -11.78
CA SER A 13 -3.20 0.84 -10.98
C SER A 13 -2.32 -0.32 -10.53
N ARG A 14 -1.51 -0.85 -11.44
CA ARG A 14 -0.68 -2.02 -11.15
C ARG A 14 0.22 -1.79 -9.94
N HIS A 15 0.74 -0.59 -9.82
CA HIS A 15 1.60 -0.24 -8.70
C HIS A 15 0.79 -0.18 -7.42
N LEU A 16 -0.38 0.42 -7.50
CA LEU A 16 -1.26 0.56 -6.36
C LEU A 16 -1.82 -0.82 -5.94
N ASN A 17 -2.05 -1.70 -6.92
CA ASN A 17 -2.53 -3.06 -6.65
C ASN A 17 -1.57 -3.77 -5.72
N ARG A 18 -0.29 -3.71 -6.07
CA ARG A 18 0.76 -4.34 -5.29
C ARG A 18 0.86 -3.69 -3.93
N HIS A 19 0.66 -2.38 -3.90
CA HIS A 19 0.74 -1.61 -2.68
C HIS A 19 -0.39 -1.99 -1.72
N LEU A 20 -1.55 -2.35 -2.29
CA LEU A 20 -2.67 -2.82 -1.48
C LEU A 20 -2.41 -4.25 -1.03
N ARG A 21 -1.86 -5.04 -1.95
CA ARG A 21 -1.60 -6.46 -1.74
C ARG A 21 -0.79 -6.73 -0.49
N VAL A 22 0.29 -5.99 -0.31
CA VAL A 22 1.16 -6.16 0.84
C VAL A 22 0.46 -5.84 2.16
N HIS A 23 -0.69 -5.17 2.08
CA HIS A 23 -1.45 -4.82 3.28
C HIS A 23 -2.60 -5.80 3.48
N ARG A 24 -2.77 -6.70 2.54
CA ARG A 24 -3.85 -7.68 2.60
C ARG A 24 -3.29 -9.09 2.76
N ARG A 25 -2.00 -9.26 2.41
CA ARG A 25 -1.33 -10.56 2.45
C ARG A 25 -1.97 -11.53 1.47
N ALA A 26 -2.56 -10.97 0.42
CA ALA A 26 -3.22 -11.76 -0.59
C ALA A 26 -2.19 -12.38 -1.52
N THR A 27 -2.03 -13.69 -1.43
CA THR A 27 -1.09 -14.39 -2.25
C THR A 27 -1.60 -14.52 -3.69
N TYR A 1 2.39 8.03 7.97
CA TYR A 1 1.78 6.69 7.83
C TYR A 1 2.88 5.65 7.80
N SER A 2 2.59 4.44 8.25
CA SER A 2 3.59 3.38 8.24
C SER A 2 2.96 2.03 7.88
N CYS A 3 3.65 1.27 7.04
CA CYS A 3 3.21 -0.08 6.67
C CYS A 3 3.32 -0.97 7.90
N ASN A 4 2.19 -1.38 8.47
CA ASN A 4 2.19 -2.20 9.71
C ASN A 4 3.04 -3.46 9.56
N VAL A 5 3.00 -4.03 8.38
CA VAL A 5 3.73 -5.26 8.08
C VAL A 5 5.26 -5.05 8.07
N CYS A 6 5.71 -3.91 7.57
CA CYS A 6 7.15 -3.67 7.41
C CYS A 6 7.69 -2.66 8.40
N GLY A 7 6.92 -1.61 8.65
CA GLY A 7 7.36 -0.56 9.53
C GLY A 7 7.91 0.63 8.75
N LYS A 8 7.73 0.59 7.43
CA LYS A 8 8.22 1.66 6.57
C LYS A 8 7.27 2.83 6.58
N ALA A 9 7.81 4.03 6.79
CA ALA A 9 7.01 5.23 6.85
C ALA A 9 6.74 5.82 5.47
N PHE A 10 5.52 6.28 5.29
CA PHE A 10 5.08 6.93 4.06
C PHE A 10 4.34 8.20 4.44
N VAL A 11 4.52 9.26 3.66
CA VAL A 11 3.85 10.52 3.94
C VAL A 11 2.59 10.66 3.11
N LEU A 12 2.60 10.05 1.94
CA LEU A 12 1.45 10.09 1.05
C LEU A 12 0.56 8.87 1.26
N SER A 13 -0.72 9.13 1.49
CA SER A 13 -1.71 8.08 1.74
C SER A 13 -1.73 7.07 0.59
N ARG A 14 -1.76 7.58 -0.64
CA ARG A 14 -1.84 6.73 -1.81
C ARG A 14 -0.63 5.81 -1.93
N HIS A 15 0.53 6.32 -1.58
CA HIS A 15 1.76 5.54 -1.66
C HIS A 15 1.72 4.37 -0.70
N LEU A 16 1.19 4.60 0.49
CA LEU A 16 1.09 3.53 1.46
C LEU A 16 -0.02 2.58 1.09
N ASN A 17 -1.15 3.12 0.64
CA ASN A 17 -2.31 2.29 0.27
C ASN A 17 -1.96 1.32 -0.85
N ARG A 18 -1.15 1.76 -1.80
CA ARG A 18 -0.69 0.90 -2.87
C ARG A 18 0.22 -0.19 -2.32
N HIS A 19 0.97 0.17 -1.29
CA HIS A 19 1.88 -0.75 -0.62
C HIS A 19 1.08 -1.70 0.28
N LEU A 20 -0.03 -1.20 0.80
CA LEU A 20 -0.93 -1.99 1.64
C LEU A 20 -1.64 -3.02 0.81
N ARG A 21 -1.97 -2.65 -0.43
CA ARG A 21 -2.67 -3.51 -1.36
C ARG A 21 -1.95 -4.84 -1.53
N VAL A 22 -0.65 -4.77 -1.64
CA VAL A 22 0.18 -5.97 -1.75
C VAL A 22 -0.02 -6.89 -0.53
N HIS A 23 -0.31 -6.30 0.62
CA HIS A 23 -0.48 -7.05 1.86
C HIS A 23 -1.95 -7.32 2.16
N ARG A 24 -2.82 -6.94 1.23
CA ARG A 24 -4.25 -7.18 1.38
C ARG A 24 -4.57 -8.62 1.00
N ARG A 25 -3.54 -9.31 0.55
CA ARG A 25 -3.62 -10.71 0.20
C ARG A 25 -2.51 -11.46 0.91
N ALA A 26 -2.85 -12.62 1.44
CA ALA A 26 -1.87 -13.42 2.17
C ALA A 26 -0.79 -13.96 1.24
N THR A 27 -1.21 -14.46 0.11
CA THR A 27 -0.30 -15.01 -0.87
C THR A 27 -0.85 -14.76 -2.28
N TYR A 1 -6.28 9.82 -1.30
CA TYR A 1 -6.44 8.50 -0.68
C TYR A 1 -5.24 8.18 0.19
N SER A 2 -5.41 7.36 1.20
CA SER A 2 -4.30 7.00 2.06
C SER A 2 -4.37 5.54 2.49
N CYS A 3 -3.21 4.98 2.75
CA CYS A 3 -3.12 3.61 3.24
C CYS A 3 -3.31 3.65 4.75
N ASN A 4 -4.45 3.17 5.21
CA ASN A 4 -4.83 3.25 6.64
C ASN A 4 -3.85 2.53 7.54
N VAL A 5 -3.37 1.39 7.08
CA VAL A 5 -2.46 0.56 7.87
C VAL A 5 -1.17 1.31 8.28
N CYS A 6 -0.70 2.21 7.44
CA CYS A 6 0.56 2.87 7.71
C CYS A 6 0.43 4.40 7.76
N GLY A 7 -0.34 4.96 6.84
CA GLY A 7 -0.51 6.40 6.78
C GLY A 7 0.00 6.97 5.47
N LYS A 8 0.59 6.12 4.63
CA LYS A 8 1.11 6.52 3.34
C LYS A 8 -0.02 6.98 2.43
N ALA A 9 0.05 8.21 1.98
CA ALA A 9 -1.00 8.78 1.15
C ALA A 9 -0.67 8.66 -0.34
N PHE A 10 -1.71 8.61 -1.15
CA PHE A 10 -1.58 8.53 -2.60
C PHE A 10 -2.67 9.36 -3.29
N VAL A 11 -2.30 10.03 -4.37
CA VAL A 11 -3.24 10.84 -5.12
C VAL A 11 -4.12 9.96 -6.01
N LEU A 12 -3.51 8.97 -6.61
CA LEU A 12 -4.23 8.06 -7.49
C LEU A 12 -4.65 6.81 -6.73
N SER A 13 -5.94 6.50 -6.80
CA SER A 13 -6.50 5.33 -6.12
C SER A 13 -5.85 4.05 -6.63
N ARG A 14 -5.53 4.02 -7.91
CA ARG A 14 -4.91 2.86 -8.53
C ARG A 14 -3.57 2.54 -7.86
N HIS A 15 -2.81 3.58 -7.54
CA HIS A 15 -1.53 3.41 -6.87
C HIS A 15 -1.74 2.85 -5.47
N LEU A 16 -2.73 3.37 -4.77
CA LEU A 16 -3.02 2.92 -3.42
C LEU A 16 -3.43 1.46 -3.41
N ASN A 17 -4.23 1.06 -4.40
CA ASN A 17 -4.69 -0.32 -4.50
C ASN A 17 -3.53 -1.29 -4.65
N ARG A 18 -2.52 -0.88 -5.41
CA ARG A 18 -1.30 -1.68 -5.56
C ARG A 18 -0.58 -1.76 -4.24
N HIS A 19 -0.65 -0.68 -3.50
CA HIS A 19 0.00 -0.57 -2.20
C HIS A 19 -0.78 -1.36 -1.13
N LEU A 20 -2.09 -1.43 -1.29
CA LEU A 20 -2.96 -2.17 -0.36
C LEU A 20 -2.68 -3.65 -0.47
N ARG A 21 -2.42 -4.10 -1.69
CA ARG A 21 -2.16 -5.51 -1.99
C ARG A 21 -1.04 -6.05 -1.10
N VAL A 22 -0.03 -5.22 -0.86
CA VAL A 22 1.12 -5.59 -0.05
C VAL A 22 0.71 -5.87 1.41
N HIS A 23 -0.29 -5.13 1.88
CA HIS A 23 -0.75 -5.28 3.26
C HIS A 23 -1.78 -6.38 3.38
N ARG A 24 -2.43 -6.71 2.28
CA ARG A 24 -3.45 -7.74 2.27
C ARG A 24 -2.81 -9.11 2.40
N ARG A 25 -1.60 -9.23 1.83
CA ARG A 25 -0.80 -10.47 1.88
C ARG A 25 -1.58 -11.66 1.28
N ALA A 26 -2.53 -11.36 0.41
CA ALA A 26 -3.33 -12.39 -0.22
C ALA A 26 -2.50 -13.22 -1.16
N THR A 27 -2.95 -14.44 -1.44
CA THR A 27 -2.25 -15.37 -2.31
C THR A 27 -0.96 -15.86 -1.64
N TYR A 1 3.11 9.44 3.91
CA TYR A 1 2.43 8.19 3.56
C TYR A 1 3.30 7.01 3.95
N SER A 2 2.78 6.12 4.77
CA SER A 2 3.54 4.98 5.21
C SER A 2 2.68 3.72 5.29
N CYS A 3 3.31 2.56 5.10
CA CYS A 3 2.63 1.29 5.20
C CYS A 3 2.37 1.01 6.67
N ASN A 4 1.11 1.10 7.10
CA ASN A 4 0.76 0.96 8.52
C ASN A 4 0.93 -0.49 9.03
N VAL A 5 1.49 -1.34 8.20
CA VAL A 5 1.71 -2.73 8.58
C VAL A 5 3.17 -2.97 8.96
N CYS A 6 4.07 -2.16 8.42
CA CYS A 6 5.50 -2.32 8.70
C CYS A 6 6.15 -0.99 9.09
N GLY A 7 5.55 0.12 8.70
CA GLY A 7 6.03 1.42 9.11
C GLY A 7 7.00 2.07 8.13
N LYS A 8 7.06 1.55 6.92
CA LYS A 8 7.94 2.13 5.91
C LYS A 8 7.26 3.33 5.26
N ALA A 9 7.99 4.43 5.16
CA ALA A 9 7.47 5.65 4.59
C ALA A 9 7.77 5.74 3.09
N PHE A 10 6.79 6.18 2.33
CA PHE A 10 6.93 6.35 0.89
C PHE A 10 6.66 7.80 0.50
N VAL A 11 7.11 8.18 -0.67
CA VAL A 11 6.95 9.55 -1.14
C VAL A 11 5.61 9.75 -1.83
N LEU A 12 5.27 8.82 -2.71
CA LEU A 12 4.03 8.91 -3.47
C LEU A 12 3.02 7.90 -2.95
N SER A 13 1.79 8.35 -2.83
CA SER A 13 0.70 7.52 -2.33
C SER A 13 0.49 6.30 -3.22
N ARG A 14 0.67 6.47 -4.52
CA ARG A 14 0.46 5.37 -5.47
C ARG A 14 1.42 4.22 -5.19
N HIS A 15 2.67 4.56 -4.88
CA HIS A 15 3.67 3.54 -4.55
C HIS A 15 3.29 2.83 -3.27
N LEU A 16 2.80 3.61 -2.31
CA LEU A 16 2.41 3.09 -1.02
C LEU A 16 1.13 2.24 -1.15
N ASN A 17 0.22 2.65 -2.02
CA ASN A 17 -1.03 1.93 -2.25
C ASN A 17 -0.78 0.53 -2.78
N ARG A 18 0.16 0.41 -3.71
CA ARG A 18 0.53 -0.89 -4.26
C ARG A 18 0.99 -1.80 -3.14
N HIS A 19 1.78 -1.22 -2.25
CA HIS A 19 2.35 -1.95 -1.13
C HIS A 19 1.26 -2.32 -0.11
N LEU A 20 0.22 -1.50 -0.02
CA LEU A 20 -0.90 -1.80 0.87
C LEU A 20 -1.68 -2.98 0.34
N ARG A 21 -1.85 -3.01 -0.98
CA ARG A 21 -2.59 -4.08 -1.63
C ARG A 21 -1.93 -5.42 -1.37
N VAL A 22 -0.61 -5.42 -1.37
CA VAL A 22 0.16 -6.64 -1.09
C VAL A 22 -0.14 -7.14 0.33
N HIS A 23 -0.41 -6.19 1.24
CA HIS A 23 -0.74 -6.53 2.62
C HIS A 23 -2.21 -6.86 2.78
N ARG A 24 -2.96 -6.72 1.70
CA ARG A 24 -4.37 -7.05 1.69
C ARG A 24 -4.55 -8.49 1.28
N ARG A 25 -3.46 -9.08 0.81
CA ARG A 25 -3.46 -10.46 0.36
C ARG A 25 -2.49 -11.30 1.18
N ALA A 26 -2.67 -12.60 1.13
CA ALA A 26 -1.77 -13.53 1.79
C ALA A 26 -0.72 -14.00 0.80
N THR A 27 -1.17 -14.24 -0.41
CA THR A 27 -0.31 -14.67 -1.49
C THR A 27 -0.94 -14.24 -2.81
N TYR A 1 -5.49 10.28 1.94
CA TYR A 1 -5.76 8.86 2.25
C TYR A 1 -4.62 8.29 3.08
N SER A 2 -4.88 7.23 3.82
CA SER A 2 -3.84 6.63 4.64
C SER A 2 -3.95 5.10 4.67
N CYS A 3 -2.80 4.44 4.72
CA CYS A 3 -2.76 2.99 4.84
C CYS A 3 -3.07 2.64 6.29
N ASN A 4 -4.26 2.09 6.55
CA ASN A 4 -4.72 1.83 7.93
C ASN A 4 -3.77 0.95 8.73
N VAL A 5 -3.09 0.05 8.05
CA VAL A 5 -2.18 -0.90 8.70
C VAL A 5 -0.98 -0.19 9.36
N CYS A 6 -0.58 0.95 8.83
CA CYS A 6 0.61 1.63 9.33
C CYS A 6 0.38 3.12 9.59
N GLY A 7 -0.45 3.74 8.76
CA GLY A 7 -0.73 5.15 8.94
C GLY A 7 -0.07 6.02 7.89
N LYS A 8 0.59 5.40 6.92
CA LYS A 8 1.26 6.14 5.86
C LYS A 8 0.25 6.83 4.97
N ALA A 9 0.38 8.13 4.83
CA ALA A 9 -0.54 8.93 4.05
C ALA A 9 -0.17 8.94 2.58
N PHE A 10 -1.19 8.91 1.74
CA PHE A 10 -1.06 9.00 0.30
C PHE A 10 -2.04 10.02 -0.24
N VAL A 11 -1.68 10.65 -1.34
CA VAL A 11 -2.51 11.67 -1.93
C VAL A 11 -3.64 11.06 -2.76
N LEU A 12 -3.28 10.15 -3.65
CA LEU A 12 -4.25 9.52 -4.53
C LEU A 12 -4.53 8.08 -4.11
N SER A 13 -5.76 7.66 -4.34
CA SER A 13 -6.20 6.32 -4.00
C SER A 13 -5.45 5.28 -4.84
N ARG A 14 -5.08 5.66 -6.05
CA ARG A 14 -4.36 4.75 -6.96
C ARG A 14 -3.02 4.35 -6.34
N HIS A 15 -2.37 5.31 -5.70
CA HIS A 15 -1.09 5.07 -5.06
C HIS A 15 -1.28 4.23 -3.81
N LEU A 16 -2.30 4.58 -3.03
CA LEU A 16 -2.58 3.85 -1.81
C LEU A 16 -3.02 2.42 -2.11
N ASN A 17 -3.76 2.23 -3.20
CA ASN A 17 -4.25 0.91 -3.62
C ASN A 17 -3.11 -0.09 -3.75
N ARG A 18 -2.04 0.32 -4.41
CA ARG A 18 -0.88 -0.55 -4.59
C ARG A 18 -0.24 -0.85 -3.24
N HIS A 19 -0.22 0.14 -2.38
CA HIS A 19 0.37 0.00 -1.06
C HIS A 19 -0.52 -0.85 -0.15
N LEU A 20 -1.83 -0.76 -0.34
CA LEU A 20 -2.77 -1.55 0.42
C LEU A 20 -2.69 -2.99 -0.01
N ARG A 21 -2.51 -3.21 -1.30
CA ARG A 21 -2.45 -4.54 -1.86
C ARG A 21 -1.30 -5.33 -1.25
N VAL A 22 -0.21 -4.64 -0.97
CA VAL A 22 0.94 -5.28 -0.37
C VAL A 22 0.59 -5.80 1.03
N HIS A 23 -0.34 -5.12 1.69
CA HIS A 23 -0.79 -5.51 3.02
C HIS A 23 -1.97 -6.49 2.93
N ARG A 24 -2.31 -6.86 1.71
CA ARG A 24 -3.39 -7.81 1.48
C ARG A 24 -2.82 -9.22 1.34
N ARG A 25 -1.48 -9.30 1.38
CA ARG A 25 -0.71 -10.55 1.27
C ARG A 25 -1.11 -11.38 0.04
N ALA A 26 -0.62 -12.60 -0.02
CA ALA A 26 -0.99 -13.52 -1.07
C ALA A 26 -1.75 -14.69 -0.45
N THR A 27 -2.86 -15.06 -1.06
CA THR A 27 -3.72 -16.13 -0.55
C THR A 27 -4.52 -15.65 0.67
N TYR A 1 -1.38 9.15 -5.71
CA TYR A 1 -1.41 7.73 -5.33
C TYR A 1 -0.43 7.48 -4.19
N SER A 2 -0.92 7.47 -2.97
CA SER A 2 -0.07 7.27 -1.81
C SER A 2 -0.63 6.19 -0.91
N CYS A 3 0.26 5.38 -0.36
CA CYS A 3 -0.13 4.36 0.60
C CYS A 3 -0.47 5.05 1.90
N ASN A 4 -1.75 5.09 2.25
CA ASN A 4 -2.19 5.78 3.47
C ASN A 4 -1.57 5.15 4.69
N VAL A 5 -1.34 3.86 4.61
CA VAL A 5 -0.73 3.09 5.68
C VAL A 5 0.71 3.55 5.98
N CYS A 6 1.45 3.92 4.94
CA CYS A 6 2.86 4.25 5.11
C CYS A 6 3.16 5.72 4.84
N GLY A 7 2.52 6.27 3.83
CA GLY A 7 2.76 7.65 3.45
C GLY A 7 3.63 7.73 2.20
N LYS A 8 3.89 6.59 1.60
CA LYS A 8 4.69 6.52 0.40
C LYS A 8 3.86 6.82 -0.83
N ALA A 9 4.38 7.69 -1.67
CA ALA A 9 3.73 8.05 -2.90
C ALA A 9 4.25 7.19 -4.03
N PHE A 10 3.36 6.78 -4.91
CA PHE A 10 3.72 5.96 -6.04
C PHE A 10 3.32 6.66 -7.33
N VAL A 11 4.16 6.52 -8.35
CA VAL A 11 3.90 7.15 -9.64
C VAL A 11 2.70 6.52 -10.35
N LEU A 12 2.59 5.20 -10.29
CA LEU A 12 1.51 4.49 -10.94
C LEU A 12 0.55 3.90 -9.92
N SER A 13 -0.74 3.99 -10.23
CA SER A 13 -1.78 3.48 -9.35
C SER A 13 -1.67 1.97 -9.20
N ARG A 14 -1.33 1.31 -10.29
CA ARG A 14 -1.19 -0.13 -10.30
C ARG A 14 -0.11 -0.58 -9.32
N HIS A 15 0.97 0.20 -9.26
CA HIS A 15 2.07 -0.09 -8.34
C HIS A 15 1.62 0.08 -6.91
N LEU A 16 0.79 1.08 -6.66
CA LEU A 16 0.26 1.31 -5.34
C LEU A 16 -0.64 0.16 -4.93
N ASN A 17 -1.46 -0.32 -5.87
CA ASN A 17 -2.35 -1.45 -5.62
C ASN A 17 -1.57 -2.69 -5.25
N ARG A 18 -0.46 -2.92 -5.94
CA ARG A 18 0.43 -4.04 -5.65
C ARG A 18 0.97 -3.92 -4.23
N HIS A 19 1.30 -2.69 -3.84
CA HIS A 19 1.83 -2.40 -2.51
C HIS A 19 0.72 -2.50 -1.47
N LEU A 20 -0.49 -2.19 -1.87
CA LEU A 20 -1.65 -2.30 -0.98
C LEU A 20 -2.01 -3.75 -0.78
N ARG A 21 -1.84 -4.55 -1.83
CA ARG A 21 -2.13 -5.97 -1.79
C ARG A 21 -1.26 -6.66 -0.74
N VAL A 22 -0.07 -6.12 -0.53
CA VAL A 22 0.83 -6.62 0.50
C VAL A 22 0.16 -6.50 1.88
N HIS A 23 -0.64 -5.45 2.05
CA HIS A 23 -1.34 -5.22 3.31
C HIS A 23 -2.63 -6.02 3.33
N ARG A 24 -3.12 -6.37 2.15
CA ARG A 24 -4.33 -7.19 2.02
C ARG A 24 -4.01 -8.61 2.47
N ARG A 25 -2.72 -8.96 2.39
CA ARG A 25 -2.22 -10.26 2.80
C ARG A 25 -2.80 -11.37 1.91
N ALA A 26 -2.27 -11.47 0.70
CA ALA A 26 -2.71 -12.47 -0.26
C ALA A 26 -1.56 -12.84 -1.19
N THR A 27 -1.49 -14.12 -1.54
CA THR A 27 -0.46 -14.62 -2.42
C THR A 27 -0.85 -14.35 -3.88
N TYR A 1 -4.43 10.06 1.13
CA TYR A 1 -4.68 8.66 1.50
C TYR A 1 -3.40 7.99 1.95
N SER A 2 -3.29 7.75 3.24
CA SER A 2 -2.09 7.12 3.77
C SER A 2 -2.31 5.62 3.95
N CYS A 3 -1.24 4.87 3.81
CA CYS A 3 -1.31 3.44 4.01
C CYS A 3 -1.29 3.16 5.51
N ASN A 4 -2.42 2.73 6.04
CA ASN A 4 -2.61 2.50 7.49
C ASN A 4 -1.45 1.72 8.12
N VAL A 5 -1.00 0.71 7.40
CA VAL A 5 0.03 -0.19 7.89
C VAL A 5 1.41 0.49 8.07
N CYS A 6 1.70 1.49 7.28
CA CYS A 6 3.04 2.10 7.30
C CYS A 6 3.01 3.60 7.55
N GLY A 7 1.97 4.26 7.09
CA GLY A 7 1.86 5.69 7.28
C GLY A 7 2.28 6.46 6.04
N LYS A 8 2.62 5.74 4.98
CA LYS A 8 3.02 6.37 3.72
C LYS A 8 1.82 7.06 3.08
N ALA A 9 1.95 8.34 2.82
CA ALA A 9 0.87 9.13 2.27
C ALA A 9 0.87 9.11 0.74
N PHE A 10 -0.27 8.81 0.16
CA PHE A 10 -0.45 8.81 -1.28
C PHE A 10 -1.56 9.78 -1.64
N VAL A 11 -1.56 10.23 -2.88
CA VAL A 11 -2.56 11.18 -3.35
C VAL A 11 -3.76 10.45 -3.93
N LEU A 12 -3.48 9.53 -4.82
CA LEU A 12 -4.52 8.79 -5.50
C LEU A 12 -4.92 7.56 -4.70
N SER A 13 -6.20 7.48 -4.37
CA SER A 13 -6.74 6.37 -3.59
C SER A 13 -6.54 5.04 -4.30
N ARG A 14 -6.63 5.06 -5.62
CA ARG A 14 -6.45 3.85 -6.41
C ARG A 14 -5.05 3.29 -6.21
N HIS A 15 -4.08 4.19 -6.21
CA HIS A 15 -2.68 3.82 -6.01
C HIS A 15 -2.45 3.35 -4.59
N LEU A 16 -3.10 4.01 -3.66
CA LEU A 16 -3.00 3.68 -2.25
C LEU A 16 -3.63 2.30 -1.99
N ASN A 17 -4.76 2.03 -2.64
CA ASN A 17 -5.47 0.77 -2.48
C ASN A 17 -4.64 -0.41 -2.93
N ARG A 18 -3.95 -0.29 -4.07
CA ARG A 18 -3.11 -1.37 -4.55
C ARG A 18 -1.94 -1.57 -3.61
N HIS A 19 -1.52 -0.49 -2.99
CA HIS A 19 -0.44 -0.51 -2.05
C HIS A 19 -0.90 -1.22 -0.76
N LEU A 20 -2.20 -1.12 -0.47
CA LEU A 20 -2.78 -1.82 0.65
C LEU A 20 -2.78 -3.31 0.38
N ARG A 21 -3.08 -3.65 -0.88
CA ARG A 21 -3.10 -5.05 -1.32
C ARG A 21 -1.75 -5.70 -1.09
N VAL A 22 -0.69 -4.94 -1.29
CA VAL A 22 0.67 -5.42 -1.05
C VAL A 22 0.83 -5.86 0.41
N HIS A 23 0.14 -5.19 1.32
CA HIS A 23 0.20 -5.53 2.74
C HIS A 23 -0.78 -6.65 3.08
N ARG A 24 -1.78 -6.81 2.23
CA ARG A 24 -2.80 -7.83 2.44
C ARG A 24 -2.35 -9.17 1.87
N ARG A 25 -1.33 -9.13 1.01
CA ARG A 25 -0.78 -10.33 0.38
C ARG A 25 -1.81 -10.97 -0.55
N ALA A 26 -1.53 -12.17 -1.00
CA ALA A 26 -2.46 -12.90 -1.84
C ALA A 26 -3.26 -13.87 -1.02
N THR A 27 -2.57 -14.80 -0.41
CA THR A 27 -3.18 -15.80 0.44
C THR A 27 -2.37 -15.93 1.72
N TYR A 1 4.89 6.91 5.26
CA TYR A 1 4.05 5.73 4.97
C TYR A 1 4.93 4.50 4.92
N SER A 2 4.80 3.63 5.89
CA SER A 2 5.64 2.45 5.96
C SER A 2 4.83 1.17 5.88
N CYS A 3 5.45 0.14 5.31
CA CYS A 3 4.83 -1.17 5.23
C CYS A 3 5.08 -1.91 6.53
N ASN A 4 4.04 -2.09 7.34
CA ASN A 4 4.20 -2.78 8.64
C ASN A 4 4.74 -4.20 8.47
N VAL A 5 4.50 -4.77 7.32
CA VAL A 5 4.94 -6.12 7.00
C VAL A 5 6.44 -6.18 6.72
N CYS A 6 7.00 -5.10 6.22
CA CYS A 6 8.40 -5.13 5.80
C CYS A 6 9.26 -4.13 6.57
N GLY A 7 8.67 -3.02 6.96
CA GLY A 7 9.40 -2.01 7.69
C GLY A 7 9.99 -0.95 6.77
N LYS A 8 9.61 -1.01 5.49
CA LYS A 8 10.10 -0.07 4.52
C LYS A 8 9.30 1.23 4.58
N ALA A 9 10.01 2.34 4.65
CA ALA A 9 9.37 3.64 4.72
C ALA A 9 9.32 4.29 3.34
N PHE A 10 8.14 4.72 2.95
CA PHE A 10 7.95 5.37 1.67
C PHE A 10 7.35 6.75 1.88
N VAL A 11 7.72 7.68 1.03
CA VAL A 11 7.20 9.04 1.11
C VAL A 11 5.96 9.15 0.24
N LEU A 12 5.92 8.37 -0.82
CA LEU A 12 4.79 8.37 -1.74
C LEU A 12 3.70 7.46 -1.24
N SER A 13 2.57 8.04 -0.91
CA SER A 13 1.42 7.32 -0.43
C SER A 13 0.92 6.36 -1.53
N ARG A 14 1.10 6.77 -2.78
CA ARG A 14 0.66 5.99 -3.92
C ARG A 14 1.40 4.65 -3.98
N HIS A 15 2.71 4.70 -3.75
CA HIS A 15 3.52 3.49 -3.80
C HIS A 15 3.26 2.60 -2.61
N LEU A 16 3.17 3.20 -1.44
CA LEU A 16 2.96 2.47 -0.20
C LEU A 16 1.57 1.82 -0.18
N ASN A 17 0.56 2.53 -0.66
CA ASN A 17 -0.81 1.99 -0.69
C ASN A 17 -0.88 0.75 -1.57
N ARG A 18 -0.25 0.83 -2.73
CA ARG A 18 -0.22 -0.30 -3.65
C ARG A 18 0.59 -1.45 -3.05
N HIS A 19 1.55 -1.11 -2.21
CA HIS A 19 2.38 -2.09 -1.57
C HIS A 19 1.63 -2.80 -0.43
N LEU A 20 0.72 -2.10 0.20
CA LEU A 20 -0.08 -2.67 1.28
C LEU A 20 -1.12 -3.64 0.76
N ARG A 21 -1.73 -3.29 -0.37
CA ARG A 21 -2.81 -4.10 -0.93
C ARG A 21 -2.33 -5.50 -1.29
N VAL A 22 -1.04 -5.59 -1.60
CA VAL A 22 -0.43 -6.86 -1.96
C VAL A 22 -0.47 -7.82 -0.77
N HIS A 23 -0.38 -7.29 0.43
CA HIS A 23 -0.39 -8.11 1.62
C HIS A 23 -1.79 -8.35 2.12
N ARG A 24 -2.72 -7.51 1.71
CA ARG A 24 -4.12 -7.66 2.08
C ARG A 24 -4.69 -8.94 1.46
N ARG A 25 -4.16 -9.29 0.31
CA ARG A 25 -4.54 -10.52 -0.38
C ARG A 25 -3.67 -11.68 0.11
N ALA A 26 -3.12 -11.52 1.32
CA ALA A 26 -2.26 -12.53 1.96
C ALA A 26 -0.94 -12.71 1.20
N THR A 27 -0.62 -11.71 0.37
CA THR A 27 0.59 -11.72 -0.43
C THR A 27 0.54 -12.85 -1.48
N TYR A 1 -2.45 9.29 -3.41
CA TYR A 1 -2.44 7.85 -3.07
C TYR A 1 -1.26 7.54 -2.17
N SER A 2 -1.53 7.10 -0.96
CA SER A 2 -0.47 6.81 -0.01
C SER A 2 -0.77 5.53 0.75
N CYS A 3 0.28 4.75 1.00
CA CYS A 3 0.14 3.51 1.74
C CYS A 3 -0.04 3.86 3.21
N ASN A 4 -1.25 3.67 3.73
CA ASN A 4 -1.54 4.02 5.13
C ASN A 4 -0.66 3.27 6.11
N VAL A 5 -0.26 2.07 5.71
CA VAL A 5 0.59 1.22 6.53
C VAL A 5 1.98 1.82 6.74
N CYS A 6 2.48 2.52 5.73
CA CYS A 6 3.85 3.04 5.79
C CYS A 6 3.87 4.56 5.80
N GLY A 7 3.04 5.16 4.96
CA GLY A 7 2.99 6.60 4.84
C GLY A 7 3.61 7.09 3.55
N LYS A 8 3.99 6.14 2.69
CA LYS A 8 4.63 6.49 1.42
C LYS A 8 3.59 6.88 0.39
N ALA A 9 3.85 7.98 -0.29
CA ALA A 9 2.95 8.48 -1.31
C ALA A 9 3.37 7.97 -2.68
N PHE A 10 2.39 7.59 -3.46
CA PHE A 10 2.61 7.09 -4.81
C PHE A 10 1.87 7.96 -5.81
N VAL A 11 2.40 8.04 -7.02
CA VAL A 11 1.81 8.84 -8.06
C VAL A 11 0.69 8.07 -8.76
N LEU A 12 0.95 6.80 -9.03
CA LEU A 12 -0.03 5.97 -9.71
C LEU A 12 -0.84 5.16 -8.72
N SER A 13 -2.16 5.16 -8.91
CA SER A 13 -3.08 4.41 -8.08
C SER A 13 -2.78 2.92 -8.17
N ARG A 14 -2.41 2.48 -9.37
CA ARG A 14 -2.10 1.09 -9.62
C ARG A 14 -0.93 0.65 -8.75
N HIS A 15 0.10 1.48 -8.67
CA HIS A 15 1.28 1.17 -7.89
C HIS A 15 0.96 1.11 -6.41
N LEU A 16 0.18 2.08 -5.96
CA LEU A 16 -0.18 2.17 -4.56
C LEU A 16 -1.05 0.98 -4.16
N ASN A 17 -2.02 0.63 -4.99
CA ASN A 17 -2.91 -0.50 -4.71
C ASN A 17 -2.16 -1.81 -4.74
N ARG A 18 -1.20 -1.93 -5.63
CA ARG A 18 -0.37 -3.13 -5.68
C ARG A 18 0.52 -3.20 -4.46
N HIS A 19 0.85 -2.07 -3.91
CA HIS A 19 1.62 -2.01 -2.68
C HIS A 19 0.71 -2.36 -1.49
N LEU A 20 -0.57 -2.04 -1.62
CA LEU A 20 -1.56 -2.33 -0.59
C LEU A 20 -1.87 -3.81 -0.51
N ARG A 21 -1.92 -4.46 -1.68
CA ARG A 21 -2.29 -5.88 -1.73
C ARG A 21 -1.35 -6.73 -0.90
N VAL A 22 -0.12 -6.28 -0.75
CA VAL A 22 0.87 -7.01 0.03
C VAL A 22 0.54 -6.93 1.53
N HIS A 23 -0.30 -5.97 1.90
CA HIS A 23 -0.65 -5.76 3.30
C HIS A 23 -2.04 -6.31 3.63
N ARG A 24 -2.76 -6.78 2.63
CA ARG A 24 -4.12 -7.28 2.86
C ARG A 24 -4.37 -8.62 2.18
N ARG A 25 -3.81 -8.81 1.00
CA ARG A 25 -3.97 -10.04 0.28
C ARG A 25 -2.71 -10.88 0.40
N ALA A 26 -2.80 -11.99 1.12
CA ALA A 26 -1.67 -12.89 1.29
C ALA A 26 -1.45 -13.74 0.04
N THR A 27 -1.27 -13.06 -1.07
CA THR A 27 -1.06 -13.67 -2.35
C THR A 27 -0.30 -12.69 -3.25
N TYR A 1 -2.50 9.54 -3.25
CA TYR A 1 -2.76 8.19 -2.74
C TYR A 1 -1.77 7.87 -1.64
N SER A 2 -2.21 7.20 -0.61
CA SER A 2 -1.33 6.91 0.50
C SER A 2 -1.58 5.51 1.06
N CYS A 3 -0.51 4.81 1.40
CA CYS A 3 -0.60 3.48 1.99
C CYS A 3 -1.13 3.62 3.41
N ASN A 4 -2.36 3.19 3.63
CA ASN A 4 -3.03 3.33 4.94
C ASN A 4 -2.25 2.67 6.08
N VAL A 5 -1.49 1.65 5.74
CA VAL A 5 -0.71 0.90 6.72
C VAL A 5 0.55 1.65 7.15
N CYS A 6 1.17 2.36 6.22
CA CYS A 6 2.45 3.00 6.50
C CYS A 6 2.31 4.52 6.59
N GLY A 7 1.57 5.08 5.66
CA GLY A 7 1.42 6.53 5.60
C GLY A 7 2.19 7.15 4.46
N LYS A 8 2.78 6.30 3.61
CA LYS A 8 3.56 6.77 2.47
C LYS A 8 2.63 7.23 1.35
N ALA A 9 2.97 8.33 0.71
CA ALA A 9 2.16 8.86 -0.36
C ALA A 9 2.74 8.48 -1.73
N PHE A 10 1.84 8.11 -2.63
CA PHE A 10 2.20 7.75 -3.99
C PHE A 10 1.36 8.57 -4.97
N VAL A 11 1.89 8.80 -6.17
CA VAL A 11 1.17 9.58 -7.16
C VAL A 11 0.40 8.68 -8.12
N LEU A 12 0.90 7.49 -8.34
CA LEU A 12 0.22 6.52 -9.20
C LEU A 12 -0.63 5.57 -8.37
N SER A 13 -1.91 5.51 -8.70
CA SER A 13 -2.85 4.67 -7.99
C SER A 13 -2.45 3.20 -8.10
N ARG A 14 -1.97 2.80 -9.28
CA ARG A 14 -1.58 1.43 -9.52
C ARG A 14 -0.44 1.00 -8.60
N HIS A 15 0.50 1.90 -8.39
CA HIS A 15 1.65 1.62 -7.52
C HIS A 15 1.20 1.50 -6.09
N LEU A 16 0.33 2.40 -5.68
CA LEU A 16 -0.17 2.42 -4.33
C LEU A 16 -1.02 1.18 -4.05
N ASN A 17 -1.83 0.78 -5.02
CA ASN A 17 -2.67 -0.42 -4.89
C ASN A 17 -1.84 -1.68 -4.72
N ARG A 18 -0.76 -1.80 -5.49
CA ARG A 18 0.10 -2.97 -5.37
C ARG A 18 0.80 -2.98 -4.02
N HIS A 19 1.13 -1.81 -3.51
CA HIS A 19 1.76 -1.68 -2.21
C HIS A 19 0.75 -2.02 -1.11
N LEU A 20 -0.52 -1.75 -1.37
CA LEU A 20 -1.58 -2.09 -0.43
C LEU A 20 -1.84 -3.59 -0.44
N ARG A 21 -1.76 -4.18 -1.62
CA ARG A 21 -2.07 -5.60 -1.81
C ARG A 21 -1.29 -6.50 -0.86
N VAL A 22 -0.01 -6.22 -0.71
CA VAL A 22 0.84 -7.02 0.16
C VAL A 22 0.40 -6.95 1.62
N HIS A 23 -0.45 -5.98 1.95
CA HIS A 23 -0.97 -5.84 3.30
C HIS A 23 -2.37 -6.43 3.41
N ARG A 24 -3.04 -6.53 2.27
CA ARG A 24 -4.43 -7.00 2.24
C ARG A 24 -4.50 -8.49 1.94
N ARG A 25 -3.69 -8.93 0.99
CA ARG A 25 -3.69 -10.31 0.56
C ARG A 25 -2.36 -10.98 0.88
N ALA A 26 -2.40 -12.29 1.07
CA ALA A 26 -1.20 -13.06 1.33
C ALA A 26 -0.57 -13.49 0.01
N THR A 27 -1.39 -13.58 -1.01
CA THR A 27 -0.95 -13.96 -2.33
C THR A 27 -1.77 -13.22 -3.39
N TYR A 1 -2.84 8.74 -7.20
CA TYR A 1 -3.05 7.49 -6.46
C TYR A 1 -2.15 7.44 -5.23
N SER A 2 -2.73 7.17 -4.08
CA SER A 2 -1.96 7.12 -2.86
C SER A 2 -2.45 6.00 -1.96
N CYS A 3 -1.53 5.41 -1.19
CA CYS A 3 -1.90 4.39 -0.23
C CYS A 3 -2.58 5.06 0.95
N ASN A 4 -3.89 4.87 1.07
CA ASN A 4 -4.68 5.53 2.13
C ASN A 4 -4.19 5.16 3.51
N VAL A 5 -3.58 4.00 3.58
CA VAL A 5 -3.04 3.47 4.83
C VAL A 5 -1.75 4.19 5.26
N CYS A 6 -0.96 4.63 4.29
CA CYS A 6 0.34 5.21 4.61
C CYS A 6 0.46 6.67 4.16
N GLY A 7 0.01 6.94 2.95
CA GLY A 7 0.17 8.27 2.38
C GLY A 7 1.16 8.26 1.23
N LYS A 8 1.67 7.07 0.93
CA LYS A 8 2.64 6.88 -0.15
C LYS A 8 1.96 7.11 -1.49
N ALA A 9 2.45 8.07 -2.25
CA ALA A 9 1.85 8.41 -3.52
C ALA A 9 2.49 7.64 -4.67
N PHE A 10 1.65 7.17 -5.56
CA PHE A 10 2.07 6.46 -6.76
C PHE A 10 1.39 7.06 -7.98
N VAL A 11 2.08 7.10 -9.09
CA VAL A 11 1.52 7.66 -10.31
C VAL A 11 0.78 6.61 -11.12
N LEU A 12 1.21 5.37 -11.00
CA LEU A 12 0.57 4.28 -11.71
C LEU A 12 -0.24 3.41 -10.76
N SER A 13 -1.41 2.97 -11.24
CA SER A 13 -2.31 2.16 -10.45
C SER A 13 -1.69 0.82 -10.05
N ARG A 14 -0.94 0.23 -10.98
CA ARG A 14 -0.32 -1.06 -10.77
C ARG A 14 0.66 -1.01 -9.60
N HIS A 15 1.34 0.11 -9.45
CA HIS A 15 2.30 0.30 -8.39
C HIS A 15 1.61 0.48 -7.04
N LEU A 16 0.48 1.15 -7.05
CA LEU A 16 -0.28 1.31 -5.83
C LEU A 16 -0.90 -0.01 -5.41
N ASN A 17 -1.44 -0.74 -6.39
CA ASN A 17 -2.08 -2.02 -6.13
C ASN A 17 -1.10 -3.06 -5.59
N ARG A 18 0.15 -2.99 -6.05
CA ARG A 18 1.17 -3.92 -5.56
C ARG A 18 1.48 -3.61 -4.11
N HIS A 19 1.33 -2.35 -3.76
CA HIS A 19 1.54 -1.92 -2.41
C HIS A 19 0.32 -2.25 -1.55
N LEU A 20 -0.86 -2.26 -2.18
CA LEU A 20 -2.10 -2.59 -1.49
C LEU A 20 -2.14 -4.06 -1.12
N ARG A 21 -1.63 -4.91 -2.00
CA ARG A 21 -1.66 -6.36 -1.78
C ARG A 21 -0.84 -6.74 -0.55
N VAL A 22 0.12 -5.90 -0.19
CA VAL A 22 0.95 -6.13 0.96
C VAL A 22 0.11 -6.07 2.23
N HIS A 23 -0.88 -5.17 2.21
CA HIS A 23 -1.78 -5.00 3.35
C HIS A 23 -2.90 -6.02 3.30
N ARG A 24 -3.03 -6.66 2.15
CA ARG A 24 -4.04 -7.69 1.96
C ARG A 24 -3.55 -9.02 2.48
N ARG A 25 -2.22 -9.20 2.45
CA ARG A 25 -1.58 -10.43 2.91
C ARG A 25 -2.04 -11.62 2.07
N ALA A 26 -2.41 -11.35 0.83
CA ALA A 26 -2.90 -12.38 -0.06
C ALA A 26 -2.07 -12.42 -1.34
N THR A 27 -1.62 -13.61 -1.68
CA THR A 27 -0.83 -13.82 -2.87
C THR A 27 -1.66 -14.54 -3.93
N TYR A 1 -2.63 9.89 -1.51
CA TYR A 1 -2.89 8.46 -1.27
C TYR A 1 -1.88 7.94 -0.26
N SER A 2 -2.36 7.30 0.79
CA SER A 2 -1.47 6.82 1.82
C SER A 2 -1.81 5.42 2.28
N CYS A 3 -0.80 4.66 2.64
CA CYS A 3 -0.96 3.33 3.18
C CYS A 3 -1.16 3.46 4.69
N ASN A 4 -2.37 3.23 5.17
CA ASN A 4 -2.70 3.45 6.59
C ASN A 4 -1.97 2.51 7.53
N VAL A 5 -1.68 1.31 7.07
CA VAL A 5 -1.00 0.31 7.90
C VAL A 5 0.43 0.75 8.28
N CYS A 6 1.07 1.48 7.39
CA CYS A 6 2.43 1.89 7.59
C CYS A 6 2.55 3.40 7.81
N GLY A 7 1.75 4.15 7.08
CA GLY A 7 1.78 5.60 7.21
C GLY A 7 2.51 6.27 6.06
N LYS A 8 2.96 5.47 5.09
CA LYS A 8 3.66 6.00 3.93
C LYS A 8 2.68 6.52 2.89
N ALA A 9 2.98 7.68 2.35
CA ALA A 9 2.14 8.30 1.35
C ALA A 9 2.76 8.18 -0.03
N PHE A 10 1.91 8.04 -1.02
CA PHE A 10 2.32 7.93 -2.41
C PHE A 10 1.53 8.93 -3.27
N VAL A 11 2.20 9.50 -4.25
CA VAL A 11 1.57 10.48 -5.12
C VAL A 11 0.62 9.83 -6.12
N LEU A 12 1.09 8.78 -6.76
CA LEU A 12 0.30 8.07 -7.75
C LEU A 12 -0.56 7.00 -7.10
N SER A 13 -1.85 7.03 -7.40
CA SER A 13 -2.81 6.08 -6.87
C SER A 13 -2.40 4.66 -7.23
N ARG A 14 -1.94 4.47 -8.46
CA ARG A 14 -1.51 3.17 -8.94
C ARG A 14 -0.41 2.59 -8.05
N HIS A 15 0.49 3.45 -7.60
CA HIS A 15 1.59 3.02 -6.75
C HIS A 15 1.10 2.63 -5.36
N LEU A 16 0.19 3.42 -4.81
CA LEU A 16 -0.35 3.17 -3.49
C LEU A 16 -1.21 1.91 -3.49
N ASN A 17 -2.02 1.75 -4.53
CA ASN A 17 -2.90 0.59 -4.66
C ASN A 17 -2.12 -0.71 -4.74
N ARG A 18 -1.01 -0.70 -5.48
CA ARG A 18 -0.15 -1.87 -5.59
C ARG A 18 0.51 -2.17 -4.25
N HIS A 19 0.71 -1.14 -3.48
CA HIS A 19 1.30 -1.25 -2.17
C HIS A 19 0.28 -1.83 -1.18
N LEU A 20 -0.99 -1.55 -1.42
CA LEU A 20 -2.08 -2.03 -0.58
C LEU A 20 -2.20 -3.54 -0.63
N ARG A 21 -2.03 -4.11 -1.83
CA ARG A 21 -2.21 -5.54 -2.02
C ARG A 21 -1.22 -6.35 -1.18
N VAL A 22 -0.10 -5.74 -0.85
CA VAL A 22 0.91 -6.41 -0.04
C VAL A 22 0.43 -6.53 1.41
N HIS A 23 -0.36 -5.55 1.85
CA HIS A 23 -0.90 -5.57 3.21
C HIS A 23 -2.16 -6.40 3.29
N ARG A 24 -2.65 -6.84 2.14
CA ARG A 24 -3.83 -7.68 2.08
C ARG A 24 -3.48 -9.10 2.47
N ARG A 25 -2.22 -9.48 2.21
CA ARG A 25 -1.70 -10.81 2.56
C ARG A 25 -2.51 -11.94 1.91
N ALA A 26 -2.93 -11.73 0.68
CA ALA A 26 -3.67 -12.74 -0.05
C ALA A 26 -2.73 -13.61 -0.88
N THR A 27 -1.56 -13.05 -1.20
CA THR A 27 -0.52 -13.75 -1.95
C THR A 27 -0.88 -13.89 -3.44
N TYR A 1 10.26 4.78 4.05
CA TYR A 1 9.29 3.75 4.47
C TYR A 1 9.69 2.41 3.92
N SER A 2 9.28 1.35 4.59
CA SER A 2 9.60 0.03 4.15
C SER A 2 8.42 -0.91 4.40
N CYS A 3 8.23 -1.87 3.50
CA CYS A 3 7.18 -2.84 3.67
C CYS A 3 7.62 -3.85 4.71
N ASN A 4 6.99 -3.78 5.89
CA ASN A 4 7.37 -4.63 7.05
C ASN A 4 7.10 -6.10 6.81
N VAL A 5 6.54 -6.44 5.67
CA VAL A 5 6.23 -7.81 5.33
C VAL A 5 7.37 -8.47 4.54
N CYS A 6 8.14 -7.65 3.84
CA CYS A 6 9.18 -8.19 2.97
C CYS A 6 10.52 -7.46 3.11
N GLY A 7 10.46 -6.16 3.37
CA GLY A 7 11.68 -5.40 3.52
C GLY A 7 11.90 -4.40 2.41
N LYS A 8 10.98 -4.36 1.45
CA LYS A 8 11.06 -3.42 0.34
C LYS A 8 11.04 -2.00 0.84
N ALA A 9 11.93 -1.20 0.33
CA ALA A 9 12.04 0.19 0.74
C ALA A 9 11.35 1.10 -0.25
N PHE A 10 10.57 2.04 0.26
CA PHE A 10 9.85 2.99 -0.55
C PHE A 10 10.03 4.39 0.03
N VAL A 11 9.99 5.38 -0.81
CA VAL A 11 10.18 6.75 -0.38
C VAL A 11 8.86 7.40 0.02
N LEU A 12 7.87 7.30 -0.84
CA LEU A 12 6.58 7.91 -0.60
C LEU A 12 5.63 6.94 0.10
N SER A 13 4.82 7.47 1.00
CA SER A 13 3.85 6.69 1.75
C SER A 13 2.81 6.08 0.81
N ARG A 14 2.49 6.81 -0.25
CA ARG A 14 1.52 6.35 -1.25
C ARG A 14 2.01 5.08 -1.94
N HIS A 15 3.32 5.00 -2.16
CA HIS A 15 3.91 3.83 -2.79
C HIS A 15 3.79 2.61 -1.88
N LEU A 16 3.91 2.84 -0.58
CA LEU A 16 3.79 1.76 0.37
C LEU A 16 2.32 1.38 0.57
N ASN A 17 1.45 2.38 0.57
CA ASN A 17 0.00 2.19 0.72
C ASN A 17 -0.54 1.23 -0.34
N ARG A 18 -0.13 1.43 -1.58
CA ARG A 18 -0.58 0.58 -2.67
C ARG A 18 0.04 -0.81 -2.55
N HIS A 19 1.24 -0.84 -2.00
CA HIS A 19 1.99 -2.07 -1.87
C HIS A 19 1.45 -2.92 -0.71
N LEU A 20 0.90 -2.26 0.31
CA LEU A 20 0.31 -2.95 1.45
C LEU A 20 -0.93 -3.69 1.04
N ARG A 21 -1.70 -3.09 0.13
CA ARG A 21 -2.95 -3.70 -0.36
C ARG A 21 -2.66 -5.05 -1.00
N VAL A 22 -1.55 -5.13 -1.71
CA VAL A 22 -1.14 -6.37 -2.37
C VAL A 22 -0.92 -7.50 -1.36
N HIS A 23 -0.45 -7.15 -0.16
CA HIS A 23 -0.22 -8.15 0.88
C HIS A 23 -1.50 -8.46 1.64
N ARG A 24 -2.45 -7.53 1.59
CA ARG A 24 -3.75 -7.72 2.24
C ARG A 24 -4.56 -8.78 1.51
N ARG A 25 -4.09 -9.14 0.33
CA ARG A 25 -4.71 -10.19 -0.47
C ARG A 25 -4.06 -11.54 -0.11
N ALA A 26 -3.33 -11.54 1.01
CA ALA A 26 -2.63 -12.71 1.53
C ALA A 26 -1.54 -13.16 0.57
N THR A 27 -0.41 -12.48 0.62
CA THR A 27 0.73 -12.82 -0.21
C THR A 27 2.00 -12.85 0.62
N TYR A 1 0.93 10.23 0.12
CA TYR A 1 0.26 9.16 0.88
C TYR A 1 1.31 8.25 1.51
N SER A 2 0.92 7.49 2.50
CA SER A 2 1.85 6.58 3.16
C SER A 2 1.17 5.28 3.55
N CYS A 3 1.90 4.18 3.41
CA CYS A 3 1.41 2.87 3.81
C CYS A 3 1.38 2.83 5.33
N ASN A 4 0.19 2.88 5.91
CA ASN A 4 0.01 2.96 7.39
C ASN A 4 0.71 1.83 8.13
N VAL A 5 0.75 0.66 7.53
CA VAL A 5 1.36 -0.53 8.13
C VAL A 5 2.86 -0.33 8.44
N CYS A 6 3.52 0.51 7.69
CA CYS A 6 4.97 0.65 7.84
C CYS A 6 5.46 2.11 7.77
N GLY A 7 4.83 2.90 6.91
CA GLY A 7 5.22 4.30 6.80
C GLY A 7 5.80 4.64 5.44
N LYS A 8 5.83 3.67 4.53
CA LYS A 8 6.34 3.90 3.18
C LYS A 8 5.52 4.95 2.45
N ALA A 9 6.18 6.02 2.04
CA ALA A 9 5.51 7.12 1.38
C ALA A 9 5.40 6.92 -0.13
N PHE A 10 4.24 7.26 -0.66
CA PHE A 10 3.97 7.18 -2.09
C PHE A 10 3.22 8.42 -2.54
N VAL A 11 3.59 8.95 -3.69
CA VAL A 11 2.95 10.15 -4.22
C VAL A 11 1.61 9.81 -4.88
N LEU A 12 1.61 8.75 -5.68
CA LEU A 12 0.41 8.36 -6.41
C LEU A 12 -0.39 7.33 -5.63
N SER A 13 -1.69 7.46 -5.67
CA SER A 13 -2.59 6.56 -4.98
C SER A 13 -2.52 5.15 -5.56
N ARG A 14 -2.38 5.06 -6.88
CA ARG A 14 -2.30 3.77 -7.55
C ARG A 14 -1.03 3.03 -7.14
N HIS A 15 0.05 3.78 -6.96
CA HIS A 15 1.31 3.20 -6.52
C HIS A 15 1.19 2.69 -5.09
N LEU A 16 0.47 3.45 -4.28
CA LEU A 16 0.24 3.06 -2.90
C LEU A 16 -0.60 1.79 -2.87
N ASN A 17 -1.62 1.73 -3.74
CA ASN A 17 -2.50 0.57 -3.83
C ASN A 17 -1.72 -0.70 -4.13
N ARG A 18 -0.69 -0.56 -4.97
CA ARG A 18 0.19 -1.68 -5.29
C ARG A 18 0.82 -2.22 -4.02
N HIS A 19 1.23 -1.31 -3.19
CA HIS A 19 1.89 -1.64 -1.94
C HIS A 19 0.89 -2.09 -0.87
N LEU A 20 -0.32 -1.55 -0.93
CA LEU A 20 -1.37 -1.89 0.02
C LEU A 20 -1.83 -3.33 -0.16
N ARG A 21 -1.98 -3.74 -1.40
CA ARG A 21 -2.50 -5.08 -1.71
C ARG A 21 -1.61 -6.19 -1.15
N VAL A 22 -0.33 -5.88 -0.98
CA VAL A 22 0.63 -6.84 -0.44
C VAL A 22 0.33 -7.13 1.04
N HIS A 23 -0.29 -6.16 1.71
CA HIS A 23 -0.66 -6.31 3.11
C HIS A 23 -2.08 -6.81 3.23
N ARG A 24 -2.87 -6.60 2.19
CA ARG A 24 -4.27 -7.01 2.16
C ARG A 24 -4.37 -8.49 1.78
N ARG A 25 -3.55 -8.89 0.83
CA ARG A 25 -3.56 -10.24 0.32
C ARG A 25 -2.46 -11.08 0.94
N ALA A 26 -2.71 -12.37 1.05
CA ALA A 26 -1.72 -13.31 1.54
C ALA A 26 -0.94 -13.90 0.38
N THR A 27 -1.53 -13.78 -0.80
CA THR A 27 -0.91 -14.26 -2.02
C THR A 27 -0.70 -13.10 -2.98
N TYR A 1 -9.65 7.29 3.65
CA TYR A 1 -9.25 5.95 4.11
C TYR A 1 -7.77 5.94 4.41
N SER A 2 -7.34 5.05 5.28
CA SER A 2 -5.94 4.99 5.64
C SER A 2 -5.47 3.55 5.82
N CYS A 3 -4.28 3.26 5.33
CA CYS A 3 -3.69 1.94 5.48
C CYS A 3 -3.23 1.77 6.93
N ASN A 4 -3.94 0.94 7.69
CA ASN A 4 -3.69 0.77 9.13
C ASN A 4 -2.25 0.37 9.45
N VAL A 5 -1.66 -0.42 8.57
CA VAL A 5 -0.30 -0.91 8.76
C VAL A 5 0.75 0.22 8.80
N CYS A 6 0.46 1.32 8.13
CA CYS A 6 1.45 2.39 8.03
C CYS A 6 0.87 3.78 8.33
N GLY A 7 -0.35 4.01 7.90
CA GLY A 7 -0.98 5.31 8.13
C GLY A 7 -1.16 6.10 6.86
N LYS A 8 -0.78 5.51 5.73
CA LYS A 8 -0.91 6.16 4.42
C LYS A 8 -2.38 6.38 4.11
N ALA A 9 -2.74 7.61 3.78
CA ALA A 9 -4.13 7.95 3.52
C ALA A 9 -4.47 7.97 2.03
N PHE A 10 -5.63 7.44 1.71
CA PHE A 10 -6.16 7.43 0.36
C PHE A 10 -7.63 7.74 0.37
N VAL A 11 -8.05 8.68 -0.45
CA VAL A 11 -9.45 9.05 -0.50
C VAL A 11 -10.27 8.07 -1.32
N LEU A 12 -9.66 7.53 -2.36
CA LEU A 12 -10.32 6.57 -3.21
C LEU A 12 -10.25 5.17 -2.61
N SER A 13 -11.41 4.55 -2.45
CA SER A 13 -11.51 3.23 -1.87
C SER A 13 -10.67 2.22 -2.67
N ARG A 14 -10.72 2.34 -3.98
CA ARG A 14 -9.99 1.46 -4.87
C ARG A 14 -8.48 1.55 -4.63
N HIS A 15 -8.00 2.77 -4.40
CA HIS A 15 -6.58 3.00 -4.13
C HIS A 15 -6.16 2.33 -2.84
N LEU A 16 -6.97 2.50 -1.81
CA LEU A 16 -6.68 1.92 -0.51
C LEU A 16 -6.66 0.39 -0.62
N ASN A 17 -7.63 -0.16 -1.35
CA ASN A 17 -7.70 -1.62 -1.56
C ASN A 17 -6.48 -2.12 -2.30
N ARG A 18 -6.03 -1.36 -3.30
CA ARG A 18 -4.83 -1.72 -4.06
C ARG A 18 -3.59 -1.60 -3.19
N HIS A 19 -3.65 -0.72 -2.23
CA HIS A 19 -2.54 -0.54 -1.31
C HIS A 19 -2.52 -1.66 -0.27
N LEU A 20 -3.69 -2.19 0.06
CA LEU A 20 -3.81 -3.29 1.01
C LEU A 20 -3.14 -4.54 0.47
N ARG A 21 -3.38 -4.81 -0.81
CA ARG A 21 -2.88 -6.03 -1.46
C ARG A 21 -1.35 -6.10 -1.42
N VAL A 22 -0.71 -4.97 -1.25
CA VAL A 22 0.74 -4.92 -1.17
C VAL A 22 1.24 -5.46 0.18
N HIS A 23 0.40 -5.31 1.23
CA HIS A 23 0.79 -5.77 2.57
C HIS A 23 0.28 -7.19 2.85
N ARG A 24 -0.77 -7.58 2.17
CA ARG A 24 -1.38 -8.90 2.39
C ARG A 24 -1.05 -9.87 1.27
N ARG A 25 -0.69 -9.32 0.14
CA ARG A 25 -0.35 -10.09 -1.05
C ARG A 25 -1.55 -10.83 -1.62
N ALA A 26 -1.74 -12.04 -1.17
CA ALA A 26 -2.87 -12.84 -1.63
C ALA A 26 -3.81 -13.20 -0.49
N THR A 27 -3.35 -13.06 0.74
CA THR A 27 -4.17 -13.41 1.88
C THR A 27 -4.33 -12.21 2.84
N TYR A 1 4.67 8.27 8.60
CA TYR A 1 3.80 7.08 8.52
C TYR A 1 4.65 5.84 8.39
N SER A 2 4.16 4.72 8.85
CA SER A 2 4.91 3.48 8.75
C SER A 2 3.99 2.30 8.43
N CYS A 3 4.50 1.37 7.64
CA CYS A 3 3.78 0.18 7.30
C CYS A 3 3.76 -0.77 8.50
N ASN A 4 2.60 -0.93 9.10
CA ASN A 4 2.43 -1.74 10.32
C ASN A 4 3.08 -3.13 10.23
N VAL A 5 2.78 -3.86 9.17
CA VAL A 5 3.29 -5.23 8.99
C VAL A 5 4.82 -5.29 8.89
N CYS A 6 5.40 -4.30 8.27
CA CYS A 6 6.80 -4.36 7.91
C CYS A 6 7.67 -3.41 8.73
N GLY A 7 7.11 -2.29 9.12
CA GLY A 7 7.85 -1.29 9.85
C GLY A 7 8.57 -0.34 8.90
N LYS A 8 8.14 -0.33 7.65
CA LYS A 8 8.72 0.53 6.63
C LYS A 8 8.12 1.92 6.73
N ALA A 9 8.97 2.92 6.93
CA ALA A 9 8.50 4.29 7.06
C ALA A 9 8.16 4.89 5.69
N PHE A 10 6.99 5.51 5.63
CA PHE A 10 6.51 6.16 4.42
C PHE A 10 6.26 7.63 4.71
N VAL A 11 6.59 8.47 3.74
CA VAL A 11 6.41 9.90 3.89
C VAL A 11 4.99 10.30 3.53
N LEU A 12 4.42 9.61 2.55
CA LEU A 12 3.07 9.92 2.08
C LEU A 12 2.12 8.75 2.31
N SER A 13 0.91 9.07 2.70
CA SER A 13 -0.12 8.08 2.99
C SER A 13 -0.51 7.31 1.72
N ARG A 14 -0.48 7.98 0.57
CA ARG A 14 -0.84 7.35 -0.69
C ARG A 14 0.10 6.19 -0.99
N HIS A 15 1.40 6.40 -0.75
CA HIS A 15 2.40 5.37 -0.98
C HIS A 15 2.15 4.19 -0.06
N LEU A 16 1.86 4.48 1.18
CA LEU A 16 1.60 3.46 2.18
C LEU A 16 0.40 2.61 1.79
N ASN A 17 -0.68 3.27 1.39
CA ASN A 17 -1.91 2.58 0.99
C ASN A 17 -1.69 1.68 -0.21
N ARG A 18 -0.93 2.17 -1.18
CA ARG A 18 -0.60 1.38 -2.36
C ARG A 18 0.20 0.17 -1.98
N HIS A 19 1.13 0.35 -1.06
CA HIS A 19 1.96 -0.73 -0.60
C HIS A 19 1.18 -1.75 0.22
N LEU A 20 0.13 -1.29 0.89
CA LEU A 20 -0.70 -2.18 1.69
C LEU A 20 -1.45 -3.16 0.82
N ARG A 21 -1.86 -2.68 -0.35
CA ARG A 21 -2.64 -3.48 -1.29
C ARG A 21 -1.95 -4.81 -1.62
N VAL A 22 -0.64 -4.79 -1.78
CA VAL A 22 0.11 -6.00 -2.14
C VAL A 22 -0.03 -7.09 -1.05
N HIS A 23 -0.20 -6.70 0.22
CA HIS A 23 -0.34 -7.69 1.28
C HIS A 23 -1.72 -7.65 1.92
N ARG A 24 -2.71 -7.24 1.14
CA ARG A 24 -4.08 -7.30 1.59
C ARG A 24 -4.57 -8.73 1.45
N ARG A 25 -3.87 -9.48 0.63
CA ARG A 25 -4.15 -10.89 0.42
C ARG A 25 -3.28 -11.71 1.36
N ALA A 26 -3.35 -13.02 1.23
CA ALA A 26 -2.51 -13.90 2.03
C ALA A 26 -1.10 -13.91 1.47
N THR A 27 -1.01 -13.72 0.17
CA THR A 27 0.24 -13.68 -0.52
C THR A 27 0.08 -12.85 -1.79
N TYR A 1 1.75 7.07 -6.81
CA TYR A 1 0.88 6.04 -6.24
C TYR A 1 1.43 5.56 -4.91
N SER A 2 0.78 5.95 -3.83
CA SER A 2 1.26 5.62 -2.51
C SER A 2 0.45 4.51 -1.84
N CYS A 3 1.12 3.72 -1.03
CA CYS A 3 0.47 2.67 -0.28
C CYS A 3 -0.26 3.30 0.90
N ASN A 4 -1.58 3.31 0.84
CA ASN A 4 -2.44 3.99 1.83
C ASN A 4 -2.14 3.58 3.26
N VAL A 5 -1.72 2.35 3.44
CA VAL A 5 -1.47 1.81 4.78
C VAL A 5 -0.17 2.35 5.39
N CYS A 6 0.83 2.59 4.58
CA CYS A 6 2.14 2.99 5.11
C CYS A 6 2.56 4.39 4.68
N GLY A 7 2.14 4.79 3.49
CA GLY A 7 2.49 6.11 3.00
C GLY A 7 3.65 6.08 2.03
N LYS A 8 4.10 4.88 1.70
CA LYS A 8 5.20 4.72 0.76
C LYS A 8 4.74 4.96 -0.65
N ALA A 9 5.40 5.88 -1.32
CA ALA A 9 5.04 6.26 -2.67
C ALA A 9 5.81 5.46 -3.71
N PHE A 10 5.09 4.94 -4.66
CA PHE A 10 5.67 4.20 -5.76
C PHE A 10 5.30 4.86 -7.07
N VAL A 11 6.14 4.69 -8.06
CA VAL A 11 5.93 5.29 -9.36
C VAL A 11 5.17 4.35 -10.28
N LEU A 12 5.50 3.07 -10.19
CA LEU A 12 4.88 2.07 -11.02
C LEU A 12 3.63 1.50 -10.34
N SER A 13 2.50 1.65 -11.01
CA SER A 13 1.22 1.17 -10.51
C SER A 13 1.25 -0.32 -10.25
N ARG A 14 1.92 -1.06 -11.12
CA ARG A 14 2.00 -2.51 -11.02
C ARG A 14 2.61 -2.91 -9.68
N HIS A 15 3.65 -2.22 -9.30
CA HIS A 15 4.36 -2.49 -8.07
C HIS A 15 3.53 -2.04 -6.87
N LEU A 16 2.94 -0.87 -6.99
CA LEU A 16 2.15 -0.31 -5.90
C LEU A 16 0.90 -1.14 -5.64
N ASN A 17 0.26 -1.62 -6.71
CA ASN A 17 -0.96 -2.42 -6.59
C ASN A 17 -0.69 -3.71 -5.84
N ARG A 18 0.42 -4.37 -6.15
CA ARG A 18 0.79 -5.59 -5.44
C ARG A 18 1.15 -5.25 -4.01
N HIS A 19 1.81 -4.11 -3.84
CA HIS A 19 2.25 -3.64 -2.54
C HIS A 19 1.05 -3.38 -1.62
N LEU A 20 -0.06 -3.00 -2.22
CA LEU A 20 -1.30 -2.80 -1.47
C LEU A 20 -1.83 -4.15 -1.03
N ARG A 21 -1.74 -5.11 -1.94
CA ARG A 21 -2.22 -6.46 -1.70
C ARG A 21 -1.44 -7.13 -0.58
N VAL A 22 -0.17 -6.80 -0.48
CA VAL A 22 0.68 -7.35 0.58
C VAL A 22 0.13 -6.99 1.97
N HIS A 23 -0.48 -5.82 2.08
CA HIS A 23 -1.05 -5.38 3.34
C HIS A 23 -2.43 -5.99 3.55
N ARG A 24 -3.03 -6.42 2.46
CA ARG A 24 -4.36 -7.00 2.50
C ARG A 24 -4.27 -8.53 2.49
N ARG A 25 -3.04 -9.03 2.54
CA ARG A 25 -2.76 -10.47 2.54
C ARG A 25 -3.07 -11.12 1.18
N ALA A 26 -2.66 -12.39 1.03
CA ALA A 26 -2.87 -13.15 -0.20
C ALA A 26 -2.28 -12.43 -1.40
N THR A 27 -0.97 -12.27 -1.40
CA THR A 27 -0.27 -11.61 -2.48
C THR A 27 -0.07 -12.56 -3.66
N TYR A 1 4.62 9.21 2.59
CA TYR A 1 3.89 7.93 2.76
C TYR A 1 4.86 6.78 2.66
N SER A 2 4.75 5.84 3.57
CA SER A 2 5.64 4.70 3.56
C SER A 2 4.92 3.41 3.94
N CYS A 3 5.39 2.31 3.39
CA CYS A 3 4.87 1.00 3.73
C CYS A 3 5.39 0.67 5.12
N ASN A 4 4.53 0.70 6.11
CA ASN A 4 4.92 0.50 7.51
C ASN A 4 5.35 -0.93 7.79
N VAL A 5 5.01 -1.82 6.89
CA VAL A 5 5.37 -3.21 7.04
C VAL A 5 6.85 -3.45 6.69
N CYS A 6 7.35 -2.67 5.74
CA CYS A 6 8.73 -2.86 5.28
C CYS A 6 9.57 -1.61 5.54
N GLY A 7 9.06 -0.46 5.12
CA GLY A 7 9.78 0.78 5.29
C GLY A 7 10.02 1.54 3.99
N LYS A 8 9.42 1.07 2.90
CA LYS A 8 9.58 1.72 1.61
C LYS A 8 8.70 2.97 1.53
N ALA A 9 9.29 4.07 1.11
CA ALA A 9 8.57 5.33 1.02
C ALA A 9 8.11 5.62 -0.40
N PHE A 10 6.92 6.18 -0.50
CA PHE A 10 6.33 6.58 -1.77
C PHE A 10 5.77 7.99 -1.65
N VAL A 11 5.93 8.79 -2.69
CA VAL A 11 5.44 10.16 -2.66
C VAL A 11 3.94 10.23 -2.88
N LEU A 12 3.41 9.30 -3.66
CA LEU A 12 1.99 9.24 -3.94
C LEU A 12 1.33 8.08 -3.21
N SER A 13 0.17 8.34 -2.61
CA SER A 13 -0.59 7.33 -1.90
C SER A 13 -1.05 6.24 -2.85
N ARG A 14 -1.33 6.62 -4.09
CA ARG A 14 -1.82 5.72 -5.11
C ARG A 14 -0.81 4.60 -5.37
N HIS A 15 0.46 4.95 -5.36
CA HIS A 15 1.54 3.98 -5.57
C HIS A 15 1.70 3.10 -4.34
N LEU A 16 1.64 3.71 -3.17
CA LEU A 16 1.78 2.98 -1.92
C LEU A 16 0.64 1.99 -1.73
N ASN A 17 -0.57 2.42 -2.07
CA ASN A 17 -1.76 1.58 -1.94
C ASN A 17 -1.62 0.28 -2.73
N ARG A 18 -0.93 0.35 -3.86
CA ARG A 18 -0.68 -0.85 -4.66
C ARG A 18 0.14 -1.84 -3.85
N HIS A 19 1.11 -1.31 -3.12
CA HIS A 19 1.99 -2.13 -2.32
C HIS A 19 1.29 -2.57 -1.02
N LEU A 20 0.40 -1.72 -0.52
CA LEU A 20 -0.36 -2.02 0.69
C LEU A 20 -1.34 -3.16 0.41
N ARG A 21 -1.95 -3.12 -0.77
CA ARG A 21 -2.92 -4.13 -1.17
C ARG A 21 -2.32 -5.52 -1.14
N VAL A 22 -1.05 -5.62 -1.46
CA VAL A 22 -0.36 -6.89 -1.50
C VAL A 22 -0.29 -7.51 -0.09
N HIS A 23 -0.35 -6.66 0.93
CA HIS A 23 -0.34 -7.13 2.31
C HIS A 23 -1.75 -7.38 2.82
N ARG A 24 -2.72 -6.74 2.17
CA ARG A 24 -4.12 -6.91 2.51
C ARG A 24 -4.61 -8.27 2.02
N ARG A 25 -3.97 -8.75 0.96
CA ARG A 25 -4.30 -10.03 0.38
C ARG A 25 -3.23 -11.04 0.76
N ALA A 26 -3.48 -12.31 0.50
CA ALA A 26 -2.51 -13.34 0.80
C ALA A 26 -1.57 -13.52 -0.36
N THR A 27 -0.28 -13.47 -0.08
CA THR A 27 0.73 -13.62 -1.10
C THR A 27 1.08 -15.09 -1.33
#